data_3T37
#
_entry.id   3T37
#
_cell.length_a   62.380
_cell.length_b   79.438
_cell.length_c   136.429
_cell.angle_alpha   90.00
_cell.angle_beta   90.00
_cell.angle_gamma   90.00
#
_symmetry.space_group_name_H-M   'P 21 21 21'
#
loop_
_entity.id
_entity.type
_entity.pdbx_description
1 polymer 'Probable dehydrogenase'
2 non-polymer 'FLAVIN-ADENINE DINUCLEOTIDE'
3 water water
#
_entity_poly.entity_id   1
_entity_poly.type   'polypeptide(L)'
_entity_poly.pdbx_seq_one_letter_code
;MADGVRMTRAKVEHAPNCDIVIVGGGSAGSLLAARLSEDPDSRVLLIEAGEEPTDPDIWNPAAWPALQGRSYDWDYRTEA
QAGTAGRAHHWARGRLIGGSSCLHAMGYMRGHPSDFQAWVDASGDRRWGWDELLPVFQAIEDHPLGGDGIHGKGGPLPIH
LPADEVSPLARAFIEAGASLGLPRLEGHNSGEMIGVTPNSLNIRDGRRVTAADAWLTKAVRGRKNLTILTGSRVRRLKLE
GNQVRSLEVVGRQGSAEVFADQIVLCAGALESPALLMRSGIGPHDVLDAAGVGCLIDMPDIGRNLQDHLLGAGNLYAARK
PVPPSRLQHSESMAYMRADSFTAAGQPEIVVGCGVAPIVSESFPAPAAGSAYSLLFGITHPTSRGSVRISGPELGDRLII
DPAYLQTGRDRERFRRALEASRTIGHRDELAGWRERELLPGTPNSAAEMDDFIARSVITHHHPCGTCRMGKDPDAVVDAN
LRLKALDNLFVVDASIMPNLTAGPIHAAVLAIAETFARQYHHHHHH
;
_entity_poly.pdbx_strand_id   A
#
# COMPACT_ATOMS: atom_id res chain seq x y z
N ASN A 17 -32.63 -10.11 -5.11
CA ASN A 17 -31.63 -9.05 -5.20
C ASN A 17 -30.43 -9.30 -4.29
N CYS A 18 -29.23 -8.98 -4.78
CA CYS A 18 -28.03 -9.07 -3.96
C CYS A 18 -28.11 -8.03 -2.84
N ASP A 19 -27.80 -8.46 -1.62
CA ASP A 19 -27.82 -7.56 -0.48
C ASP A 19 -26.62 -6.60 -0.54
N ILE A 20 -25.49 -7.07 -1.05
CA ILE A 20 -24.27 -6.29 -1.03
C ILE A 20 -23.52 -6.47 -2.32
N VAL A 21 -23.13 -5.36 -2.93
CA VAL A 21 -22.16 -5.45 -4.02
C VAL A 21 -20.83 -4.86 -3.56
N ILE A 22 -19.76 -5.62 -3.76
CA ILE A 22 -18.39 -5.15 -3.52
C ILE A 22 -17.72 -4.78 -4.85
N VAL A 23 -17.19 -3.57 -4.94
CA VAL A 23 -16.56 -3.12 -6.18
C VAL A 23 -15.05 -3.21 -6.08
N GLY A 24 -14.47 -4.13 -6.84
CA GLY A 24 -13.03 -4.32 -6.84
C GLY A 24 -12.64 -5.49 -5.95
N GLY A 25 -12.01 -6.51 -6.54
CA GLY A 25 -11.65 -7.70 -5.80
C GLY A 25 -10.15 -7.75 -5.56
N GLY A 26 -9.62 -6.68 -4.96
CA GLY A 26 -8.21 -6.63 -4.65
C GLY A 26 -8.02 -7.15 -3.24
N SER A 27 -7.14 -6.50 -2.47
CA SER A 27 -6.88 -6.92 -1.09
C SER A 27 -8.15 -6.80 -0.25
N ALA A 28 -8.66 -5.58 -0.14
CA ALA A 28 -9.82 -5.36 0.72
C ALA A 28 -11.02 -6.12 0.19
N GLY A 29 -11.19 -6.11 -1.14
CA GLY A 29 -12.35 -6.75 -1.76
C GLY A 29 -12.38 -8.27 -1.60
N SER A 30 -11.22 -8.91 -1.65
CA SER A 30 -11.18 -10.35 -1.50
C SER A 30 -11.57 -10.73 -0.08
N LEU A 31 -10.95 -10.05 0.89
CA LEU A 31 -11.30 -10.25 2.29
C LEU A 31 -12.80 -10.10 2.48
N LEU A 32 -13.36 -9.01 1.97
CA LEU A 32 -14.78 -8.71 2.16
C LEU A 32 -15.71 -9.73 1.52
N ALA A 33 -15.42 -10.12 0.28
CA ALA A 33 -16.23 -11.14 -0.38
C ALA A 33 -16.29 -12.43 0.46
N ALA A 34 -15.16 -12.83 1.02
CA ALA A 34 -15.11 -14.04 1.85
C ALA A 34 -15.84 -13.83 3.17
N ARG A 35 -15.54 -12.73 3.85
CA ARG A 35 -16.05 -12.53 5.21
C ARG A 35 -17.54 -12.22 5.23
N LEU A 36 -18.01 -11.47 4.24
CA LEU A 36 -19.43 -11.11 4.21
C LEU A 36 -20.29 -12.32 3.81
N SER A 37 -19.76 -13.18 2.95
CA SER A 37 -20.56 -14.31 2.47
C SER A 37 -20.60 -15.43 3.50
N GLU A 38 -19.92 -15.24 4.64
CA GLU A 38 -20.05 -16.18 5.75
C GLU A 38 -21.47 -16.19 6.32
N ASP A 39 -22.16 -15.05 6.25
CA ASP A 39 -23.58 -14.99 6.58
C ASP A 39 -24.35 -15.57 5.39
N PRO A 40 -24.92 -16.76 5.56
CA PRO A 40 -25.59 -17.45 4.45
C PRO A 40 -26.88 -16.74 4.05
N ASP A 41 -27.37 -15.85 4.91
CA ASP A 41 -28.57 -15.07 4.63
C ASP A 41 -28.33 -13.82 3.79
N SER A 42 -27.07 -13.49 3.53
CA SER A 42 -26.77 -12.30 2.74
C SER A 42 -26.14 -12.69 1.42
N ARG A 43 -26.71 -12.21 0.32
CA ARG A 43 -26.20 -12.48 -1.00
C ARG A 43 -25.15 -11.45 -1.42
N VAL A 44 -23.97 -11.94 -1.80
CA VAL A 44 -22.84 -11.08 -2.06
C VAL A 44 -22.39 -11.17 -3.50
N LEU A 45 -22.22 -10.02 -4.13
CA LEU A 45 -21.67 -9.95 -5.49
C LEU A 45 -20.33 -9.21 -5.48
N LEU A 46 -19.30 -9.84 -6.01
CA LEU A 46 -18.00 -9.20 -6.13
C LEU A 46 -17.76 -8.90 -7.60
N ILE A 47 -17.49 -7.63 -7.91
CA ILE A 47 -17.22 -7.21 -9.27
C ILE A 47 -15.76 -6.81 -9.40
N GLU A 48 -15.04 -7.49 -10.27
CA GLU A 48 -13.61 -7.24 -10.43
C GLU A 48 -13.29 -6.93 -11.88
N ALA A 49 -12.52 -5.87 -12.11
CA ALA A 49 -12.19 -5.43 -13.47
C ALA A 49 -11.28 -6.42 -14.19
N GLY A 50 -10.34 -7.01 -13.46
CA GLY A 50 -9.39 -7.94 -14.06
C GLY A 50 -9.94 -9.34 -14.28
N GLU A 51 -9.10 -10.20 -14.86
CA GLU A 51 -9.43 -11.60 -15.05
C GLU A 51 -8.94 -12.42 -13.88
N GLU A 52 -9.29 -13.70 -13.87
CA GLU A 52 -8.73 -14.64 -12.91
C GLU A 52 -7.25 -14.89 -13.26
N PRO A 53 -6.39 -14.97 -12.23
CA PRO A 53 -4.94 -15.12 -12.44
C PRO A 53 -4.56 -16.37 -13.23
N THR A 54 -3.74 -16.19 -14.26
CA THR A 54 -3.29 -17.29 -15.10
C THR A 54 -1.75 -17.28 -15.24
N ASP A 55 -1.14 -16.14 -14.92
CA ASP A 55 0.32 -15.98 -14.98
C ASP A 55 1.01 -16.74 -13.84
N PRO A 56 1.86 -17.72 -14.19
CA PRO A 56 2.56 -18.56 -13.20
C PRO A 56 3.61 -17.78 -12.40
N ASP A 57 4.28 -16.83 -13.06
CA ASP A 57 5.37 -16.07 -12.45
C ASP A 57 4.97 -15.21 -11.22
N ILE A 58 3.69 -14.86 -11.10
CA ILE A 58 3.24 -14.02 -9.98
C ILE A 58 3.21 -14.78 -8.65
N TRP A 59 3.30 -16.11 -8.71
CA TRP A 59 3.46 -16.92 -7.51
C TRP A 59 4.92 -17.31 -7.25
N ASN A 60 5.81 -16.76 -8.07
CA ASN A 60 7.25 -16.77 -7.81
C ASN A 60 7.67 -15.42 -7.22
N PRO A 61 7.94 -15.39 -5.89
CA PRO A 61 8.31 -14.22 -5.08
C PRO A 61 9.44 -13.34 -5.61
N ALA A 62 10.42 -13.94 -6.29
CA ALA A 62 11.57 -13.21 -6.82
C ALA A 62 11.29 -12.59 -8.20
N ALA A 63 10.13 -12.88 -8.77
CA ALA A 63 9.77 -12.35 -10.08
C ALA A 63 8.90 -11.09 -9.97
N TRP A 64 8.72 -10.59 -8.76
CA TRP A 64 7.81 -9.47 -8.48
C TRP A 64 8.06 -8.13 -9.22
N PRO A 65 9.33 -7.73 -9.43
CA PRO A 65 9.47 -6.51 -10.24
C PRO A 65 9.26 -6.79 -11.74
N ALA A 66 9.21 -8.07 -12.11
CA ALA A 66 9.13 -8.48 -13.51
C ALA A 66 7.69 -8.61 -14.05
N LEU A 67 6.69 -8.50 -13.17
CA LEU A 67 5.30 -8.61 -13.64
C LEU A 67 4.54 -7.28 -13.82
N GLN A 68 5.03 -6.20 -13.22
CA GLN A 68 4.47 -4.88 -13.52
C GLN A 68 4.98 -4.45 -14.90
N GLY A 69 4.12 -3.80 -15.68
CA GLY A 69 4.41 -3.51 -17.08
C GLY A 69 3.78 -4.58 -17.97
N ARG A 70 3.09 -5.53 -17.35
CA ARG A 70 2.43 -6.60 -18.07
C ARG A 70 0.91 -6.42 -18.15
N SER A 71 0.24 -7.43 -18.72
CA SER A 71 -1.19 -7.40 -19.03
C SER A 71 -2.10 -6.99 -17.87
N TYR A 72 -1.82 -7.49 -16.67
CA TYR A 72 -2.66 -7.28 -15.49
C TYR A 72 -2.21 -6.12 -14.60
N ASP A 73 -1.39 -5.23 -15.17
CA ASP A 73 -0.97 -4.01 -14.46
C ASP A 73 -1.65 -2.79 -15.09
N TRP A 74 -2.25 -1.94 -14.25
CA TRP A 74 -2.97 -0.76 -14.74
C TRP A 74 -2.00 0.29 -15.30
N ASP A 75 -0.86 0.44 -14.64
CA ASP A 75 0.24 1.30 -15.10
C ASP A 75 -0.16 2.76 -15.36
N TYR A 76 -0.20 3.54 -14.29
CA TYR A 76 -0.53 4.96 -14.36
C TYR A 76 0.74 5.76 -14.53
N ARG A 77 0.58 6.99 -14.99
CA ARG A 77 1.69 7.92 -15.12
C ARG A 77 1.32 9.22 -14.41
N THR A 78 2.05 9.59 -13.36
CA THR A 78 1.73 10.82 -12.64
C THR A 78 2.11 12.04 -13.48
N GLU A 79 1.59 13.20 -13.09
CA GLU A 79 2.09 14.48 -13.58
C GLU A 79 3.59 14.62 -13.28
N ALA A 80 4.28 15.44 -14.07
CA ALA A 80 5.67 15.77 -13.78
C ALA A 80 5.78 16.37 -12.38
N GLN A 81 6.70 15.87 -11.56
CA GLN A 81 6.83 16.32 -10.17
C GLN A 81 7.95 17.32 -9.96
N ALA A 82 7.59 18.58 -9.71
CA ALA A 82 8.58 19.64 -9.49
C ALA A 82 9.51 19.32 -8.33
N GLY A 83 9.01 18.58 -7.35
CA GLY A 83 9.82 18.21 -6.21
C GLY A 83 10.77 17.07 -6.52
N THR A 84 10.58 16.41 -7.66
CA THR A 84 11.49 15.30 -8.03
C THR A 84 12.15 15.54 -9.38
N ALA A 85 12.78 16.71 -9.52
CA ALA A 85 13.54 17.05 -10.72
C ALA A 85 12.67 17.00 -11.96
N GLY A 86 11.41 17.39 -11.82
CA GLY A 86 10.48 17.40 -12.94
C GLY A 86 10.13 16.02 -13.47
N ARG A 87 10.55 14.96 -12.80
CA ARG A 87 10.26 13.60 -13.26
C ARG A 87 8.77 13.23 -13.10
N ALA A 88 8.22 12.54 -14.10
CA ALA A 88 6.90 11.90 -13.96
C ALA A 88 7.14 10.47 -13.47
N HIS A 89 6.17 9.89 -12.77
CA HIS A 89 6.36 8.55 -12.19
C HIS A 89 5.33 7.52 -12.66
N HIS A 90 5.78 6.27 -12.76
CA HIS A 90 4.89 5.15 -13.10
C HIS A 90 4.34 4.53 -11.83
N TRP A 91 3.02 4.49 -11.71
CA TRP A 91 2.35 3.80 -10.61
C TRP A 91 1.73 2.55 -11.17
N ALA A 92 2.10 1.40 -10.62
CA ALA A 92 1.61 0.15 -11.11
C ALA A 92 0.54 -0.35 -10.17
N ARG A 93 -0.63 -0.72 -10.69
CA ARG A 93 -1.63 -1.35 -9.85
C ARG A 93 -2.07 -2.67 -10.49
N GLY A 94 -2.49 -3.63 -9.67
CA GLY A 94 -2.96 -4.90 -10.21
C GLY A 94 -4.36 -4.81 -10.83
N ARG A 95 -4.54 -5.46 -11.99
CA ARG A 95 -5.87 -5.67 -12.56
C ARG A 95 -6.16 -7.16 -12.79
N LEU A 96 -6.57 -7.82 -11.71
CA LEU A 96 -6.85 -9.25 -11.65
C LEU A 96 -7.45 -9.54 -10.28
N ILE A 97 -7.99 -10.74 -10.11
CA ILE A 97 -8.46 -11.16 -8.78
C ILE A 97 -7.26 -11.17 -7.84
N GLY A 98 -7.31 -10.34 -6.80
CA GLY A 98 -6.17 -10.19 -5.91
C GLY A 98 -5.61 -8.79 -5.89
N GLY A 99 -5.94 -8.00 -6.92
CA GLY A 99 -5.53 -6.61 -7.01
C GLY A 99 -4.02 -6.35 -6.95
N SER A 100 -3.59 -5.55 -5.98
CA SER A 100 -2.18 -5.17 -5.85
C SER A 100 -1.37 -6.23 -5.07
N SER A 101 -2.09 -7.19 -4.49
CA SER A 101 -1.47 -8.27 -3.72
C SER A 101 -0.81 -9.34 -4.61
N CYS A 102 -1.24 -9.41 -5.88
CA CYS A 102 -0.63 -10.31 -6.88
C CYS A 102 0.65 -9.73 -7.47
N LEU A 103 0.90 -8.45 -7.17
CA LEU A 103 2.02 -7.72 -7.71
C LEU A 103 3.02 -7.37 -6.62
N HIS A 104 2.57 -7.51 -5.37
CA HIS A 104 3.29 -6.87 -4.26
C HIS A 104 4.61 -7.50 -3.80
N ALA A 105 5.45 -6.71 -3.14
CA ALA A 105 6.72 -7.21 -2.61
C ALA A 105 6.50 -8.14 -1.42
N MET A 106 5.20 -8.40 -1.15
CA MET A 106 4.70 -9.34 -0.13
C MET A 106 5.21 -9.14 1.30
N GLY A 107 5.71 -7.93 1.59
CA GLY A 107 6.10 -7.58 2.95
C GLY A 107 4.90 -7.32 3.85
N TYR A 108 4.98 -7.76 5.09
CA TYR A 108 3.87 -7.57 6.02
C TYR A 108 4.30 -6.69 7.18
N MET A 109 3.76 -5.47 7.23
CA MET A 109 4.04 -4.53 8.31
C MET A 109 2.74 -3.92 8.77
N ARG A 110 2.31 -4.26 9.98
CA ARG A 110 1.11 -3.63 10.55
C ARG A 110 1.21 -2.11 10.56
N GLY A 111 2.39 -1.60 10.89
CA GLY A 111 2.53 -0.18 11.20
C GLY A 111 2.86 -0.01 12.68
N HIS A 112 2.98 1.24 13.12
CA HIS A 112 3.33 1.54 14.50
C HIS A 112 2.10 2.06 15.22
N PRO A 113 1.97 1.76 16.51
CA PRO A 113 0.79 2.17 17.28
C PRO A 113 0.47 3.66 17.14
N SER A 114 1.50 4.50 17.04
CA SER A 114 1.31 5.94 16.84
C SER A 114 0.71 6.26 15.48
N ASP A 115 0.93 5.41 14.48
CA ASP A 115 0.33 5.63 13.17
C ASP A 115 -1.18 5.65 13.33
N PHE A 116 -1.67 4.68 14.10
CA PHE A 116 -3.10 4.49 14.25
C PHE A 116 -3.73 5.45 15.26
N GLN A 117 -2.90 5.99 16.16
CA GLN A 117 -3.38 7.00 17.09
C GLN A 117 -3.88 8.22 16.31
N ALA A 118 -3.17 8.58 15.25
CA ALA A 118 -3.61 9.70 14.42
C ALA A 118 -4.94 9.40 13.69
N TRP A 119 -5.20 8.12 13.39
CA TRP A 119 -6.52 7.74 12.85
C TRP A 119 -7.62 7.94 13.87
N VAL A 120 -7.32 7.68 15.14
CA VAL A 120 -8.30 7.87 16.21
C VAL A 120 -8.59 9.37 16.36
N ASP A 121 -7.53 10.18 16.35
CA ASP A 121 -7.68 11.63 16.38
C ASP A 121 -8.49 12.14 15.18
N ALA A 122 -8.24 11.58 14.00
CA ALA A 122 -8.94 12.06 12.80
C ALA A 122 -10.38 11.59 12.76
N SER A 123 -10.63 10.34 13.20
CA SER A 123 -11.95 9.74 13.09
C SER A 123 -12.83 9.99 14.32
N GLY A 124 -12.22 10.28 15.46
CA GLY A 124 -12.95 10.39 16.72
C GLY A 124 -13.45 9.04 17.24
N ASP A 125 -12.86 7.95 16.77
CA ASP A 125 -13.35 6.62 17.13
C ASP A 125 -12.24 5.68 17.52
N ARG A 126 -12.31 5.14 18.74
CA ARG A 126 -11.22 4.33 19.28
C ARG A 126 -11.06 2.99 18.56
N ARG A 127 -12.05 2.61 17.75
CA ARG A 127 -11.97 1.35 17.02
C ARG A 127 -10.77 1.35 16.06
N TRP A 128 -10.27 2.53 15.72
CA TRP A 128 -9.12 2.62 14.82
C TRP A 128 -7.79 2.73 15.56
N GLY A 129 -7.81 2.48 16.87
CA GLY A 129 -6.59 2.48 17.67
C GLY A 129 -5.89 1.12 17.69
N TRP A 130 -4.61 1.13 18.03
CA TRP A 130 -3.83 -0.11 18.11
C TRP A 130 -4.51 -1.16 19.01
N ASP A 131 -4.99 -0.72 20.17
CA ASP A 131 -5.59 -1.66 21.13
C ASP A 131 -6.79 -2.38 20.53
N GLU A 132 -7.63 -1.64 19.83
CA GLU A 132 -8.79 -2.26 19.17
C GLU A 132 -8.40 -3.02 17.92
N LEU A 133 -7.38 -2.55 17.19
CA LEU A 133 -6.97 -3.25 15.98
C LEU A 133 -6.23 -4.56 16.28
N LEU A 134 -5.69 -4.66 17.49
CA LEU A 134 -4.91 -5.84 17.88
C LEU A 134 -5.64 -7.16 17.58
N PRO A 135 -6.87 -7.36 18.13
CA PRO A 135 -7.58 -8.59 17.79
C PRO A 135 -7.88 -8.66 16.30
N VAL A 136 -8.06 -7.51 15.66
CA VAL A 136 -8.35 -7.51 14.22
C VAL A 136 -7.19 -8.11 13.45
N PHE A 137 -6.00 -7.55 13.63
CA PHE A 137 -4.77 -8.11 13.05
C PHE A 137 -4.64 -9.60 13.39
N GLN A 138 -4.96 -9.94 14.64
CA GLN A 138 -4.86 -11.32 15.10
C GLN A 138 -5.76 -12.23 14.30
N ALA A 139 -6.99 -11.79 14.05
CA ALA A 139 -7.94 -12.58 13.26
C ALA A 139 -7.43 -12.83 11.84
N ILE A 140 -6.65 -11.89 11.33
CA ILE A 140 -6.10 -11.97 9.97
C ILE A 140 -4.90 -12.92 9.88
N GLU A 141 -4.06 -12.90 10.91
CA GLU A 141 -2.74 -13.49 10.83
C GLU A 141 -2.68 -14.97 11.22
N ASP A 142 -1.90 -15.74 10.46
CA ASP A 142 -1.41 -17.05 10.90
C ASP A 142 0.09 -16.92 11.11
N HIS A 143 0.48 -16.56 12.32
CA HIS A 143 1.83 -16.11 12.63
C HIS A 143 2.48 -17.10 13.58
N PRO A 144 3.77 -17.44 13.35
CA PRO A 144 4.50 -18.43 14.18
C PRO A 144 4.71 -17.96 15.61
N LEU A 145 4.47 -16.69 15.88
CA LEU A 145 4.50 -16.21 17.26
C LEU A 145 3.10 -16.18 17.85
N GLY A 146 2.12 -16.69 17.11
CA GLY A 146 0.74 -16.78 17.60
C GLY A 146 0.68 -17.49 18.95
N GLY A 147 -0.13 -16.96 19.87
CA GLY A 147 -0.09 -17.38 21.26
C GLY A 147 0.52 -16.27 22.10
N ASP A 148 1.34 -15.46 21.45
CA ASP A 148 1.87 -14.18 21.94
C ASP A 148 0.91 -13.41 22.82
N GLY A 149 -0.34 -13.28 22.36
CA GLY A 149 -1.23 -12.25 22.86
C GLY A 149 -1.01 -10.96 22.07
N ILE A 150 -0.26 -11.07 20.97
CA ILE A 150 0.13 -9.93 20.14
C ILE A 150 -0.04 -10.28 18.66
N HIS A 151 0.63 -11.35 18.24
CA HIS A 151 0.55 -11.86 16.88
C HIS A 151 -0.59 -12.87 16.74
N GLY A 152 -1.18 -12.96 15.55
CA GLY A 152 -2.35 -13.80 15.36
C GLY A 152 -2.01 -15.27 15.17
N LYS A 153 -2.96 -16.14 15.54
CA LYS A 153 -2.77 -17.56 15.32
C LYS A 153 -3.97 -18.18 14.61
N GLY A 154 -3.68 -18.87 13.51
CA GLY A 154 -4.71 -19.61 12.80
C GLY A 154 -5.48 -18.82 11.77
N GLY A 155 -5.09 -17.55 11.55
CA GLY A 155 -5.80 -16.69 10.61
C GLY A 155 -5.53 -17.07 9.16
N PRO A 156 -6.29 -16.52 8.23
CA PRO A 156 -6.11 -17.01 6.85
C PRO A 156 -4.81 -16.56 6.18
N LEU A 157 -4.22 -15.45 6.64
CA LEU A 157 -3.00 -14.90 6.02
C LEU A 157 -1.72 -15.38 6.70
N PRO A 158 -0.96 -16.26 6.03
CA PRO A 158 0.29 -16.71 6.64
C PRO A 158 1.33 -15.60 6.73
N ILE A 159 1.94 -15.45 7.91
CA ILE A 159 3.06 -14.54 8.08
C ILE A 159 4.32 -15.38 8.29
N HIS A 160 5.31 -15.19 7.44
CA HIS A 160 6.53 -15.98 7.52
C HIS A 160 7.70 -15.12 8.00
N LEU A 161 8.38 -15.55 9.06
CA LEU A 161 9.61 -14.89 9.53
C LEU A 161 10.82 -15.63 8.96
N PRO A 162 11.46 -15.04 7.93
CA PRO A 162 12.62 -15.68 7.31
C PRO A 162 13.76 -15.79 8.32
N ALA A 163 14.52 -16.88 8.26
CA ALA A 163 15.73 -16.97 9.08
C ALA A 163 16.88 -17.48 8.25
N ASP A 164 16.82 -18.77 7.91
CA ASP A 164 17.90 -19.39 7.13
C ASP A 164 17.99 -18.87 5.71
N GLU A 165 16.86 -18.47 5.12
CA GLU A 165 16.85 -18.02 3.73
C GLU A 165 17.30 -16.57 3.56
N VAL A 166 17.51 -15.87 4.69
CA VAL A 166 17.94 -14.47 4.63
C VAL A 166 19.33 -14.41 4.00
N SER A 167 19.46 -13.62 2.94
CA SER A 167 20.73 -13.54 2.23
C SER A 167 21.86 -13.04 3.13
N PRO A 168 23.09 -13.48 2.86
CA PRO A 168 24.23 -13.02 3.67
C PRO A 168 24.40 -11.50 3.62
N LEU A 169 24.10 -10.88 2.47
CA LEU A 169 24.14 -9.41 2.40
C LEU A 169 23.20 -8.78 3.44
N ALA A 170 21.97 -9.29 3.47
CA ALA A 170 20.97 -8.73 4.39
C ALA A 170 21.36 -8.95 5.84
N ARG A 171 22.03 -10.08 6.12
CA ARG A 171 22.51 -10.34 7.47
CA ARG A 171 22.50 -10.34 7.46
C ARG A 171 23.58 -9.34 7.86
N ALA A 172 24.46 -9.04 6.91
CA ALA A 172 25.52 -8.06 7.19
C ALA A 172 24.89 -6.68 7.39
N PHE A 173 23.84 -6.38 6.63
CA PHE A 173 23.11 -5.13 6.80
C PHE A 173 22.52 -5.04 8.22
N ILE A 174 21.85 -6.11 8.63
CA ILE A 174 21.28 -6.20 9.96
C ILE A 174 22.34 -6.03 11.06
N GLU A 175 23.50 -6.66 10.87
CA GLU A 175 24.59 -6.50 11.83
C GLU A 175 25.06 -5.07 11.88
N ALA A 176 25.11 -4.42 10.72
CA ALA A 176 25.56 -3.04 10.63
C ALA A 176 24.64 -2.16 11.45
N GLY A 177 23.34 -2.36 11.26
CA GLY A 177 22.38 -1.56 11.99
C GLY A 177 22.39 -1.85 13.47
N ALA A 178 22.51 -3.13 13.82
CA ALA A 178 22.52 -3.52 15.22
C ALA A 178 23.68 -2.87 15.95
N SER A 179 24.83 -2.81 15.27
CA SER A 179 26.05 -2.27 15.86
CA SER A 179 26.05 -2.28 15.89
C SER A 179 25.98 -0.77 16.12
N LEU A 180 25.04 -0.09 15.48
CA LEU A 180 24.90 1.35 15.67
C LEU A 180 23.94 1.63 16.82
N GLY A 181 23.34 0.58 17.35
CA GLY A 181 22.39 0.72 18.45
C GLY A 181 20.96 0.26 18.18
N LEU A 182 20.64 -0.07 16.92
CA LEU A 182 19.28 -0.55 16.62
C LEU A 182 19.03 -1.92 17.26
N PRO A 183 17.92 -2.06 17.99
CA PRO A 183 17.59 -3.34 18.61
C PRO A 183 17.16 -4.41 17.59
N ARG A 184 17.37 -5.68 17.90
CA ARG A 184 16.95 -6.78 17.04
C ARG A 184 15.53 -7.18 17.32
N LEU A 185 14.70 -7.10 16.29
CA LEU A 185 13.29 -7.40 16.43
C LEU A 185 13.03 -8.71 15.72
N GLU A 186 11.93 -9.38 16.07
CA GLU A 186 11.45 -10.50 15.28
C GLU A 186 10.27 -10.02 14.45
N GLY A 187 10.55 -9.54 13.25
CA GLY A 187 9.52 -8.87 12.46
C GLY A 187 9.21 -7.49 13.01
N HIS A 188 8.31 -6.77 12.35
CA HIS A 188 8.04 -5.37 12.70
C HIS A 188 6.72 -5.18 13.42
N ASN A 189 6.12 -6.27 13.89
CA ASN A 189 4.69 -6.25 14.20
C ASN A 189 4.28 -6.38 15.65
N SER A 190 5.24 -6.32 16.56
CA SER A 190 4.94 -6.53 17.97
C SER A 190 4.34 -5.28 18.58
N GLY A 191 4.38 -4.16 17.85
CA GLY A 191 4.07 -2.87 18.43
C GLY A 191 5.36 -2.07 18.49
N GLU A 192 6.49 -2.75 18.37
CA GLU A 192 7.79 -2.09 18.26
CA GLU A 192 7.78 -2.08 18.26
C GLU A 192 8.27 -2.21 16.82
N MET A 193 8.54 -1.07 16.17
CA MET A 193 8.87 -1.11 14.75
C MET A 193 10.27 -0.59 14.46
N ILE A 194 10.81 0.22 15.35
CA ILE A 194 12.17 0.70 15.20
C ILE A 194 13.15 -0.40 15.59
N GLY A 195 14.09 -0.69 14.69
CA GLY A 195 15.06 -1.71 14.96
C GLY A 195 15.53 -2.41 13.70
N VAL A 196 16.03 -3.62 13.87
CA VAL A 196 16.71 -4.34 12.80
C VAL A 196 16.14 -5.79 12.71
N THR A 197 15.75 -6.22 11.51
CA THR A 197 15.10 -7.53 11.32
C THR A 197 14.83 -7.85 9.84
N PRO A 198 14.75 -9.14 9.49
CA PRO A 198 14.21 -9.45 8.17
C PRO A 198 12.74 -9.07 8.14
N ASN A 199 12.26 -8.57 7.02
CA ASN A 199 10.84 -8.28 6.87
C ASN A 199 10.07 -9.57 6.95
N SER A 200 8.94 -9.56 7.66
CA SER A 200 8.03 -10.70 7.61
C SER A 200 7.34 -10.71 6.23
N LEU A 201 7.00 -11.90 5.73
CA LEU A 201 6.47 -12.04 4.37
C LEU A 201 5.24 -12.92 4.33
N ASN A 202 4.32 -12.62 3.41
CA ASN A 202 3.17 -13.50 3.19
C ASN A 202 3.57 -14.61 2.25
N ILE A 203 4.15 -15.65 2.83
CA ILE A 203 4.70 -16.76 2.10
C ILE A 203 4.32 -18.03 2.85
N ARG A 204 4.07 -19.10 2.12
CA ARG A 204 3.81 -20.41 2.71
C ARG A 204 4.42 -21.48 1.82
N ASP A 205 5.24 -22.34 2.42
CA ASP A 205 5.87 -23.44 1.70
C ASP A 205 6.65 -22.93 0.48
N GLY A 206 7.29 -21.78 0.63
CA GLY A 206 8.11 -21.23 -0.44
C GLY A 206 7.35 -20.40 -1.46
N ARG A 207 6.02 -20.51 -1.47
CA ARG A 207 5.22 -19.80 -2.47
C ARG A 207 4.50 -18.59 -1.85
N ARG A 208 4.45 -17.50 -2.60
CA ARG A 208 3.75 -16.32 -2.14
C ARG A 208 2.26 -16.59 -1.99
N VAL A 209 1.62 -15.89 -1.07
CA VAL A 209 0.20 -16.03 -0.81
C VAL A 209 -0.46 -14.67 -0.95
N THR A 210 -1.37 -14.56 -1.93
CA THR A 210 -2.10 -13.31 -2.13
C THR A 210 -3.32 -13.23 -1.23
N ALA A 211 -3.96 -12.07 -1.19
CA ALA A 211 -5.22 -11.93 -0.44
C ALA A 211 -6.29 -12.83 -1.04
N ALA A 212 -6.26 -12.99 -2.36
CA ALA A 212 -7.18 -13.85 -3.09
C ALA A 212 -6.96 -15.32 -2.74
N ASP A 213 -5.69 -15.74 -2.69
CA ASP A 213 -5.34 -17.08 -2.24
C ASP A 213 -5.85 -17.33 -0.83
N ALA A 214 -5.64 -16.34 0.05
CA ALA A 214 -5.93 -16.52 1.47
C ALA A 214 -7.42 -16.55 1.79
N TRP A 215 -8.20 -15.64 1.22
CA TRP A 215 -9.62 -15.55 1.54
C TRP A 215 -10.55 -16.18 0.51
N LEU A 216 -10.23 -16.02 -0.77
CA LEU A 216 -11.06 -16.60 -1.82
C LEU A 216 -10.63 -18.04 -2.11
N THR A 217 -10.83 -18.93 -1.14
CA THR A 217 -10.49 -20.33 -1.30
C THR A 217 -11.53 -21.04 -2.17
N LYS A 218 -11.20 -22.26 -2.58
CA LYS A 218 -12.12 -23.13 -3.31
C LYS A 218 -13.45 -23.16 -2.56
N ALA A 219 -13.40 -23.51 -1.28
CA ALA A 219 -14.60 -23.58 -0.45
C ALA A 219 -15.40 -22.28 -0.46
N VAL A 220 -14.71 -21.15 -0.35
CA VAL A 220 -15.41 -19.86 -0.33
C VAL A 220 -16.08 -19.61 -1.68
N ARG A 221 -15.34 -19.83 -2.76
CA ARG A 221 -15.87 -19.56 -4.09
C ARG A 221 -17.05 -20.49 -4.43
N GLY A 222 -17.14 -21.62 -3.71
CA GLY A 222 -18.22 -22.56 -3.92
C GLY A 222 -19.54 -22.19 -3.25
N ARG A 223 -19.52 -21.18 -2.38
CA ARG A 223 -20.74 -20.76 -1.69
C ARG A 223 -21.80 -20.28 -2.68
N LYS A 224 -23.06 -20.61 -2.38
CA LYS A 224 -24.17 -20.31 -3.28
C LYS A 224 -24.51 -18.84 -3.19
N ASN A 225 -24.23 -18.23 -2.04
CA ASN A 225 -24.60 -16.84 -1.82
C ASN A 225 -23.51 -15.85 -2.25
N LEU A 226 -22.46 -16.35 -2.89
CA LEU A 226 -21.38 -15.52 -3.41
C LEU A 226 -21.21 -15.64 -4.91
N THR A 227 -21.31 -14.52 -5.60
CA THR A 227 -21.06 -14.48 -7.04
C THR A 227 -19.86 -13.61 -7.33
N ILE A 228 -18.92 -14.13 -8.11
CA ILE A 228 -17.76 -13.35 -8.51
C ILE A 228 -17.86 -13.06 -10.01
N LEU A 229 -17.86 -11.79 -10.34
CA LEU A 229 -17.96 -11.36 -11.73
C LEU A 229 -16.65 -10.69 -12.13
N THR A 230 -15.88 -11.35 -12.99
CA THR A 230 -14.57 -10.85 -13.43
C THR A 230 -14.66 -10.15 -14.77
N GLY A 231 -13.54 -9.59 -15.23
CA GLY A 231 -13.52 -8.82 -16.48
C GLY A 231 -14.57 -7.71 -16.54
N SER A 232 -14.96 -7.20 -15.37
CA SER A 232 -16.10 -6.30 -15.29
C SER A 232 -15.76 -5.01 -14.53
N ARG A 233 -15.91 -3.89 -15.22
CA ARG A 233 -15.53 -2.59 -14.70
CA ARG A 233 -15.53 -2.60 -14.67
C ARG A 233 -16.76 -1.74 -14.35
N VAL A 234 -16.88 -1.33 -13.08
CA VAL A 234 -17.98 -0.43 -12.69
C VAL A 234 -17.70 1.00 -13.14
N ARG A 235 -18.57 1.53 -14.00
CA ARG A 235 -18.37 2.85 -14.60
C ARG A 235 -19.04 3.96 -13.80
N ARG A 236 -20.25 3.71 -13.31
CA ARG A 236 -21.01 4.72 -12.57
C ARG A 236 -21.85 4.07 -11.51
N LEU A 237 -22.08 4.81 -10.43
CA LEU A 237 -23.11 4.46 -9.47
C LEU A 237 -24.34 5.31 -9.82
N LYS A 238 -25.53 4.70 -9.79
CA LYS A 238 -26.78 5.42 -10.06
C LYS A 238 -27.48 5.77 -8.75
N LEU A 239 -27.79 7.04 -8.58
CA LEU A 239 -28.35 7.55 -7.33
C LEU A 239 -29.85 7.70 -7.37
N GLU A 240 -30.52 7.35 -6.27
CA GLU A 240 -31.91 7.76 -6.10
C GLU A 240 -32.13 8.24 -4.67
N GLY A 241 -32.38 9.54 -4.52
CA GLY A 241 -32.50 10.13 -3.21
C GLY A 241 -31.15 10.14 -2.50
N ASN A 242 -31.12 9.59 -1.29
CA ASN A 242 -29.87 9.54 -0.52
C ASN A 242 -29.26 8.16 -0.57
N GLN A 243 -29.49 7.44 -1.66
CA GLN A 243 -29.06 6.05 -1.75
C GLN A 243 -28.51 5.75 -3.12
N VAL A 244 -27.54 4.84 -3.18
CA VAL A 244 -27.17 4.26 -4.47
C VAL A 244 -28.23 3.22 -4.81
N ARG A 245 -28.82 3.33 -6.00
CA ARG A 245 -29.84 2.38 -6.43
C ARG A 245 -29.27 1.23 -7.27
N SER A 246 -28.29 1.53 -8.12
CA SER A 246 -27.72 0.53 -9.00
C SER A 246 -26.32 0.90 -9.51
N LEU A 247 -25.66 -0.07 -10.12
CA LEU A 247 -24.33 0.14 -10.65
C LEU A 247 -24.36 -0.15 -12.14
N GLU A 248 -23.78 0.73 -12.95
CA GLU A 248 -23.57 0.42 -14.34
C GLU A 248 -22.25 -0.33 -14.44
N VAL A 249 -22.32 -1.56 -14.95
CA VAL A 249 -21.15 -2.41 -15.08
C VAL A 249 -20.81 -2.61 -16.55
N VAL A 250 -19.56 -2.31 -16.91
CA VAL A 250 -19.12 -2.50 -18.28
C VAL A 250 -18.29 -3.78 -18.41
N GLY A 251 -18.78 -4.71 -19.22
CA GLY A 251 -18.11 -5.98 -19.45
C GLY A 251 -17.55 -6.07 -20.86
N ARG A 252 -16.96 -7.22 -21.18
CA ARG A 252 -16.30 -7.46 -22.46
C ARG A 252 -17.19 -7.17 -23.66
N GLN A 253 -18.46 -7.57 -23.55
CA GLN A 253 -19.36 -7.51 -24.67
C GLN A 253 -20.64 -6.76 -24.33
N GLY A 254 -20.49 -5.63 -23.64
CA GLY A 254 -21.62 -4.78 -23.34
C GLY A 254 -21.69 -4.30 -21.91
N SER A 255 -22.62 -3.37 -21.66
CA SER A 255 -22.84 -2.87 -20.32
C SER A 255 -24.20 -3.33 -19.79
N ALA A 256 -24.38 -3.27 -18.47
CA ALA A 256 -25.57 -3.78 -17.84
C ALA A 256 -25.72 -3.15 -16.47
N GLU A 257 -26.93 -3.23 -15.93
CA GLU A 257 -27.24 -2.57 -14.68
C GLU A 257 -27.43 -3.58 -13.55
N VAL A 258 -26.69 -3.42 -12.46
CA VAL A 258 -26.80 -4.31 -11.31
C VAL A 258 -27.46 -3.56 -10.15
N PHE A 259 -28.48 -4.17 -9.54
CA PHE A 259 -29.15 -3.56 -8.39
C PHE A 259 -28.61 -4.13 -7.08
N ALA A 260 -28.63 -3.32 -6.02
CA ALA A 260 -28.11 -3.73 -4.72
C ALA A 260 -28.63 -2.88 -3.57
N ASP A 261 -28.74 -3.47 -2.38
CA ASP A 261 -29.23 -2.72 -1.23
C ASP A 261 -28.10 -1.93 -0.57
N GLN A 262 -26.91 -2.52 -0.61
CA GLN A 262 -25.73 -1.94 0.02
C GLN A 262 -24.55 -2.05 -0.95
N ILE A 263 -23.76 -0.98 -1.08
CA ILE A 263 -22.61 -0.97 -1.98
C ILE A 263 -21.32 -0.65 -1.21
N VAL A 264 -20.31 -1.48 -1.38
CA VAL A 264 -19.02 -1.24 -0.74
C VAL A 264 -17.96 -1.04 -1.81
N LEU A 265 -17.25 0.09 -1.76
CA LEU A 265 -16.21 0.38 -2.75
C LEU A 265 -14.83 -0.12 -2.29
N CYS A 266 -14.20 -0.97 -3.09
CA CYS A 266 -12.88 -1.49 -2.78
C CYS A 266 -11.97 -1.41 -3.98
N ALA A 267 -12.07 -0.32 -4.73
CA ALA A 267 -11.39 -0.21 -6.01
C ALA A 267 -9.98 0.35 -5.86
N GLY A 268 -9.63 0.76 -4.64
CA GLY A 268 -8.26 1.18 -4.37
C GLY A 268 -8.10 2.68 -4.36
N ALA A 269 -6.87 3.15 -4.10
CA ALA A 269 -6.66 4.58 -3.83
C ALA A 269 -6.94 5.44 -5.05
N LEU A 270 -6.77 4.89 -6.25
CA LEU A 270 -7.02 5.69 -7.43
C LEU A 270 -8.44 5.46 -7.96
N GLU A 271 -8.81 4.20 -8.08
CA GLU A 271 -10.06 3.87 -8.77
C GLU A 271 -11.34 4.10 -7.97
N SER A 272 -11.24 4.11 -6.64
CA SER A 272 -12.41 4.46 -5.85
C SER A 272 -12.84 5.92 -6.01
N PRO A 273 -11.93 6.89 -5.83
CA PRO A 273 -12.43 8.26 -6.02
C PRO A 273 -12.80 8.51 -7.49
N ALA A 274 -12.13 7.82 -8.41
CA ALA A 274 -12.47 7.92 -9.83
C ALA A 274 -13.92 7.50 -10.11
N LEU A 275 -14.33 6.37 -9.54
CA LEU A 275 -15.69 5.88 -9.71
C LEU A 275 -16.68 6.86 -9.10
N LEU A 276 -16.33 7.41 -7.94
CA LEU A 276 -17.16 8.42 -7.30
C LEU A 276 -17.32 9.62 -8.24
N MET A 277 -16.21 10.14 -8.73
CA MET A 277 -16.27 11.30 -9.62
C MET A 277 -17.06 11.03 -10.90
N ARG A 278 -16.81 9.90 -11.56
CA ARG A 278 -17.61 9.55 -12.74
C ARG A 278 -19.10 9.52 -12.42
N SER A 279 -19.42 9.22 -11.16
CA SER A 279 -20.81 9.11 -10.73
C SER A 279 -21.44 10.45 -10.32
N GLY A 280 -20.71 11.55 -10.50
CA GLY A 280 -21.24 12.85 -10.13
C GLY A 280 -20.96 13.24 -8.68
N ILE A 281 -20.06 12.51 -8.05
CA ILE A 281 -19.77 12.73 -6.63
C ILE A 281 -18.32 13.12 -6.43
N GLY A 282 -18.09 14.39 -6.14
CA GLY A 282 -16.72 14.90 -6.04
C GLY A 282 -16.69 16.40 -6.13
N PRO A 283 -15.49 16.97 -6.30
CA PRO A 283 -15.40 18.43 -6.36
C PRO A 283 -16.09 18.95 -7.63
N HIS A 284 -17.11 19.79 -7.43
CA HIS A 284 -17.90 20.40 -8.51
C HIS A 284 -17.04 20.96 -9.64
N ASP A 285 -15.98 21.70 -9.29
CA ASP A 285 -15.15 22.30 -10.33
C ASP A 285 -14.41 21.24 -11.13
N VAL A 286 -13.91 20.21 -10.45
CA VAL A 286 -13.23 19.09 -11.12
C VAL A 286 -14.18 18.34 -12.04
N LEU A 287 -15.38 18.05 -11.55
CA LEU A 287 -16.38 17.35 -12.37
C LEU A 287 -16.70 18.17 -13.62
N ASP A 288 -16.98 19.48 -13.45
CA ASP A 288 -17.21 20.37 -14.62
C ASP A 288 -16.08 20.27 -15.63
N ALA A 289 -14.83 20.37 -15.16
CA ALA A 289 -13.68 20.31 -16.06
C ALA A 289 -13.62 18.97 -16.79
N ALA A 290 -14.17 17.93 -16.19
CA ALA A 290 -14.09 16.60 -16.78
C ALA A 290 -15.35 16.33 -17.58
N GLY A 291 -16.28 17.29 -17.59
CA GLY A 291 -17.52 17.15 -18.33
C GLY A 291 -18.50 16.17 -17.70
N VAL A 292 -18.49 16.09 -16.37
CA VAL A 292 -19.41 15.24 -15.62
C VAL A 292 -20.34 16.13 -14.79
N GLY A 293 -21.65 15.90 -14.85
CA GLY A 293 -22.59 16.62 -14.01
C GLY A 293 -22.36 16.35 -12.52
N CYS A 294 -22.36 17.42 -11.71
CA CYS A 294 -22.18 17.28 -10.26
C CYS A 294 -23.50 17.04 -9.56
N LEU A 295 -23.62 15.89 -8.91
CA LEU A 295 -24.82 15.56 -8.17
C LEU A 295 -24.56 15.79 -6.68
N ILE A 296 -23.33 15.56 -6.25
CA ILE A 296 -22.97 15.77 -4.85
C ILE A 296 -21.59 16.39 -4.76
N ASP A 297 -21.52 17.64 -4.32
CA ASP A 297 -20.26 18.37 -4.28
C ASP A 297 -19.49 17.92 -3.04
N MET A 298 -18.48 17.10 -3.24
CA MET A 298 -17.63 16.66 -2.12
C MET A 298 -16.19 17.00 -2.38
N PRO A 299 -15.76 18.18 -1.92
CA PRO A 299 -14.45 18.76 -2.23
C PRO A 299 -13.25 17.90 -1.88
N ASP A 300 -13.35 17.01 -0.89
CA ASP A 300 -12.17 16.20 -0.52
C ASP A 300 -11.96 14.90 -1.31
N ILE A 301 -12.92 14.54 -2.16
CA ILE A 301 -12.76 13.32 -2.94
C ILE A 301 -11.59 13.49 -3.89
N GLY A 302 -10.62 12.58 -3.82
CA GLY A 302 -9.43 12.68 -4.65
C GLY A 302 -8.30 13.48 -4.01
N ARG A 303 -8.59 14.21 -2.92
CA ARG A 303 -7.56 14.99 -2.21
C ARG A 303 -6.84 14.14 -1.16
N ASN A 304 -5.85 14.76 -0.51
CA ASN A 304 -5.05 14.13 0.55
CA ASN A 304 -5.10 14.09 0.56
C ASN A 304 -4.37 12.82 0.11
N LEU A 305 -4.04 12.73 -1.17
CA LEU A 305 -3.32 11.57 -1.68
C LEU A 305 -1.95 11.49 -0.99
N GLN A 306 -1.62 10.31 -0.47
CA GLN A 306 -0.30 10.10 0.13
C GLN A 306 0.38 8.90 -0.49
N ASP A 307 1.71 8.87 -0.43
CA ASP A 307 2.49 7.73 -0.91
C ASP A 307 3.85 7.79 -0.24
N HIS A 308 4.47 6.63 -0.03
CA HIS A 308 5.85 6.58 0.44
C HIS A 308 6.79 6.63 -0.77
N LEU A 309 7.94 7.27 -0.57
CA LEU A 309 9.02 7.29 -1.54
C LEU A 309 10.21 6.49 -1.01
N LEU A 310 11.01 5.96 -1.93
CA LEU A 310 12.29 5.36 -1.59
C LEU A 310 13.34 5.95 -2.51
N GLY A 311 14.44 6.42 -1.94
CA GLY A 311 15.55 6.85 -2.76
C GLY A 311 16.18 5.62 -3.40
N ALA A 312 16.25 5.59 -4.73
CA ALA A 312 16.91 4.50 -5.46
C ALA A 312 18.11 5.02 -6.25
N GLY A 313 19.29 5.00 -5.64
CA GLY A 313 19.45 4.47 -4.29
C GLY A 313 20.84 4.80 -3.80
N ASN A 314 21.13 4.44 -2.55
CA ASN A 314 22.49 4.58 -2.04
C ASN A 314 23.24 3.34 -2.53
N LEU A 315 23.79 3.45 -3.74
CA LEU A 315 24.34 2.33 -4.51
C LEU A 315 25.78 2.01 -4.14
N TYR A 316 26.06 0.74 -3.91
CA TYR A 316 27.41 0.29 -3.57
C TYR A 316 27.87 -0.77 -4.56
N ALA A 317 29.07 -0.59 -5.11
CA ALA A 317 29.70 -1.65 -5.90
C ALA A 317 30.07 -2.78 -4.94
N ALA A 318 29.84 -4.02 -5.36
CA ALA A 318 30.11 -5.16 -4.49
C ALA A 318 31.51 -5.76 -4.68
N ARG A 319 32.13 -6.14 -3.57
CA ARG A 319 33.44 -6.79 -3.56
C ARG A 319 33.38 -8.21 -4.15
N LYS A 320 32.17 -8.75 -4.22
CA LYS A 320 31.96 -10.09 -4.73
C LYS A 320 30.52 -10.19 -5.27
N PRO A 321 30.23 -11.20 -6.11
CA PRO A 321 28.90 -11.39 -6.68
C PRO A 321 27.74 -11.36 -5.67
N VAL A 322 26.72 -10.57 -5.99
CA VAL A 322 25.48 -10.51 -5.25
C VAL A 322 24.53 -11.49 -5.92
N PRO A 323 24.04 -12.49 -5.16
CA PRO A 323 23.09 -13.48 -5.70
C PRO A 323 21.70 -12.87 -5.89
N PRO A 324 20.91 -13.41 -6.84
CA PRO A 324 19.54 -12.94 -7.09
C PRO A 324 18.55 -13.19 -5.95
N SER A 325 19.05 -13.51 -4.76
CA SER A 325 18.23 -13.61 -3.53
C SER A 325 17.22 -14.77 -3.47
N ARG A 326 17.23 -15.48 -2.35
CA ARG A 326 16.32 -16.60 -2.14
C ARG A 326 14.91 -16.16 -1.75
N LEU A 327 14.70 -14.85 -1.65
CA LEU A 327 13.41 -14.30 -1.22
C LEU A 327 12.79 -13.33 -2.23
N GLN A 328 12.65 -12.07 -1.81
CA GLN A 328 11.86 -11.07 -2.53
C GLN A 328 12.66 -9.83 -2.90
N HIS A 329 13.98 -9.90 -2.70
CA HIS A 329 14.95 -8.87 -3.12
C HIS A 329 15.09 -7.63 -2.21
N SER A 330 14.00 -7.16 -1.60
CA SER A 330 14.09 -6.18 -0.52
C SER A 330 13.81 -6.86 0.81
N GLU A 331 14.84 -7.45 1.41
CA GLU A 331 14.63 -8.41 2.49
C GLU A 331 14.53 -7.79 3.87
N SER A 332 15.04 -6.56 4.02
CA SER A 332 15.18 -5.99 5.36
C SER A 332 15.08 -4.47 5.39
N MET A 333 14.01 -4.00 6.01
CA MET A 333 13.77 -2.59 6.27
C MET A 333 14.18 -2.28 7.70
N ALA A 334 15.03 -1.27 7.87
CA ALA A 334 15.33 -0.78 9.20
C ALA A 334 14.63 0.56 9.42
N TYR A 335 13.57 0.56 10.22
CA TYR A 335 12.89 1.80 10.59
C TYR A 335 13.59 2.41 11.79
N MET A 336 13.65 3.75 11.84
CA MET A 336 14.32 4.42 12.94
C MET A 336 13.93 5.88 13.06
N ARG A 337 14.39 6.52 14.14
CA ARG A 337 14.27 7.97 14.27
C ARG A 337 15.31 8.63 13.35
N ALA A 338 15.08 9.89 13.01
CA ALA A 338 15.95 10.56 12.05
C ALA A 338 17.28 11.00 12.66
N ASP A 339 17.30 11.19 13.98
CA ASP A 339 18.46 11.82 14.61
C ASP A 339 19.35 10.89 15.44
N SER A 340 18.92 9.64 15.60
CA SER A 340 19.64 8.71 16.45
C SER A 340 19.31 7.26 16.13
N PHE A 341 20.32 6.40 16.17
CA PHE A 341 20.11 4.97 15.97
C PHE A 341 19.70 4.28 17.26
N THR A 342 19.78 5.00 18.37
CA THR A 342 19.48 4.42 19.68
C THR A 342 18.07 4.78 20.16
N ALA A 343 17.56 5.93 19.72
CA ALA A 343 16.23 6.37 20.16
C ALA A 343 15.10 5.44 19.68
N ALA A 344 14.14 5.20 20.56
CA ALA A 344 12.94 4.41 20.20
C ALA A 344 11.75 5.28 19.81
N GLY A 345 10.60 4.64 19.59
CA GLY A 345 9.36 5.36 19.31
C GLY A 345 8.83 5.10 17.91
N GLN A 346 8.00 6.02 17.42
CA GLN A 346 7.45 5.95 16.07
C GLN A 346 8.54 6.28 15.06
N PRO A 347 8.68 5.45 14.00
CA PRO A 347 9.72 5.69 12.99
C PRO A 347 9.54 7.05 12.32
N GLU A 348 10.64 7.58 11.77
CA GLU A 348 10.59 8.83 11.02
C GLU A 348 11.21 8.62 9.65
N ILE A 349 12.17 7.71 9.58
CA ILE A 349 12.83 7.36 8.33
C ILE A 349 13.06 5.85 8.28
N VAL A 350 13.49 5.36 7.11
CA VAL A 350 13.72 3.93 6.93
C VAL A 350 14.87 3.75 5.95
N VAL A 351 15.67 2.73 6.17
CA VAL A 351 16.68 2.30 5.23
C VAL A 351 16.47 0.81 5.01
N GLY A 352 16.43 0.41 3.75
CA GLY A 352 16.15 -0.99 3.43
C GLY A 352 17.29 -1.58 2.62
N CYS A 353 17.58 -2.85 2.86
CA CYS A 353 18.65 -3.51 2.14
C CYS A 353 18.15 -4.17 0.86
N GLY A 354 18.60 -3.67 -0.29
CA GLY A 354 18.20 -4.23 -1.57
C GLY A 354 19.24 -5.13 -2.21
N VAL A 355 18.96 -6.44 -2.22
CA VAL A 355 19.84 -7.44 -2.85
C VAL A 355 19.71 -7.40 -4.38
N ALA A 356 19.31 -6.24 -4.89
CA ALA A 356 19.36 -5.93 -6.31
C ALA A 356 19.86 -4.48 -6.42
N PRO A 357 20.70 -4.19 -7.42
CA PRO A 357 21.18 -2.82 -7.60
C PRO A 357 20.06 -1.90 -8.12
N ILE A 358 19.11 -1.55 -7.26
CA ILE A 358 17.93 -0.79 -7.67
C ILE A 358 18.26 0.70 -7.77
N VAL A 359 18.02 1.27 -8.94
CA VAL A 359 18.26 2.70 -9.16
C VAL A 359 17.10 3.28 -9.95
N SER A 360 16.81 4.56 -9.77
CA SER A 360 15.77 5.19 -10.58
C SER A 360 16.28 5.29 -12.01
N GLU A 361 15.40 5.73 -12.92
CA GLU A 361 15.75 5.89 -14.31
C GLU A 361 16.72 7.05 -14.54
N SER A 362 17.02 7.81 -13.48
CA SER A 362 17.98 8.90 -13.59
C SER A 362 19.42 8.38 -13.56
N PHE A 363 19.56 7.08 -13.34
CA PHE A 363 20.89 6.48 -13.23
C PHE A 363 21.01 5.24 -14.10
N PRO A 364 22.16 5.07 -14.77
CA PRO A 364 22.43 3.85 -15.54
C PRO A 364 22.43 2.63 -14.62
N ALA A 365 21.84 1.53 -15.08
CA ALA A 365 21.82 0.30 -14.29
C ALA A 365 23.18 -0.37 -14.32
N PRO A 366 23.69 -0.76 -13.14
CA PRO A 366 24.92 -1.57 -13.01
C PRO A 366 24.65 -2.99 -13.45
N ALA A 367 25.67 -3.69 -13.96
CA ALA A 367 25.52 -5.09 -14.35
C ALA A 367 24.99 -5.86 -13.17
N ALA A 368 24.05 -6.78 -13.40
CA ALA A 368 23.49 -7.60 -12.32
C ALA A 368 24.57 -8.37 -11.60
N GLY A 369 24.44 -8.51 -10.29
CA GLY A 369 25.44 -9.18 -9.47
C GLY A 369 26.58 -8.28 -9.03
N SER A 370 26.75 -7.13 -9.68
CA SER A 370 27.92 -6.29 -9.45
C SER A 370 27.74 -5.25 -8.34
N ALA A 371 26.52 -5.08 -7.85
CA ALA A 371 26.22 -3.98 -6.94
C ALA A 371 24.94 -4.21 -6.13
N TYR A 372 24.79 -3.46 -5.03
CA TYR A 372 23.54 -3.46 -4.28
C TYR A 372 23.15 -2.03 -3.87
N SER A 373 21.88 -1.83 -3.53
CA SER A 373 21.40 -0.51 -3.13
C SER A 373 20.82 -0.55 -1.74
N LEU A 374 21.24 0.42 -0.94
CA LEU A 374 20.49 0.72 0.28
C LEU A 374 19.43 1.73 -0.14
N LEU A 375 18.17 1.38 0.12
CA LEU A 375 17.05 2.23 -0.26
C LEU A 375 16.68 3.05 0.96
N PHE A 376 16.41 4.34 0.80
CA PHE A 376 16.19 5.20 1.96
C PHE A 376 14.93 6.05 1.77
N GLY A 377 14.17 6.26 2.84
CA GLY A 377 12.94 7.03 2.72
C GLY A 377 12.45 7.61 4.03
N ILE A 378 11.37 8.38 3.96
CA ILE A 378 10.76 8.90 5.17
C ILE A 378 9.43 8.20 5.35
N THR A 379 9.05 8.00 6.61
CA THR A 379 7.95 7.11 6.90
C THR A 379 6.61 7.82 6.95
N HIS A 380 6.64 9.13 7.17
CA HIS A 380 5.39 9.87 7.37
C HIS A 380 5.40 11.21 6.64
N PRO A 381 5.41 11.18 5.30
CA PRO A 381 5.49 12.44 4.52
C PRO A 381 4.34 13.37 4.84
N THR A 382 4.62 14.68 4.85
CA THR A 382 3.59 15.66 5.14
C THR A 382 3.07 16.24 3.83
N SER A 383 3.72 15.90 2.72
CA SER A 383 3.21 16.32 1.41
C SER A 383 1.84 15.69 1.16
N ARG A 384 0.98 16.39 0.44
CA ARG A 384 -0.38 15.90 0.13
C ARG A 384 -0.72 16.21 -1.32
N GLY A 385 -1.13 15.19 -2.08
CA GLY A 385 -1.42 15.39 -3.47
C GLY A 385 -2.87 15.14 -3.82
N SER A 386 -3.15 14.91 -5.09
CA SER A 386 -4.55 14.69 -5.47
C SER A 386 -4.65 13.84 -6.71
N VAL A 387 -5.85 13.28 -6.90
CA VAL A 387 -6.18 12.53 -8.10
C VAL A 387 -7.44 13.16 -8.61
N ARG A 388 -7.54 13.34 -9.93
CA ARG A 388 -8.83 13.70 -10.49
C ARG A 388 -9.07 13.07 -11.85
N ILE A 389 -10.33 12.77 -12.15
CA ILE A 389 -10.67 12.26 -13.48
C ILE A 389 -10.44 13.37 -14.50
N SER A 390 -10.15 12.99 -15.74
CA SER A 390 -9.98 13.95 -16.82
C SER A 390 -11.19 13.93 -17.74
N GLY A 391 -12.05 12.92 -17.58
CA GLY A 391 -13.28 12.84 -18.36
C GLY A 391 -14.23 11.83 -17.76
N PRO A 392 -15.42 11.64 -18.39
CA PRO A 392 -16.44 10.74 -17.84
C PRO A 392 -16.13 9.28 -18.11
N GLU A 393 -15.22 8.99 -19.04
CA GLU A 393 -15.07 7.61 -19.53
C GLU A 393 -14.07 6.77 -18.73
N LEU A 394 -14.18 5.45 -18.84
CA LEU A 394 -13.26 4.53 -18.17
C LEU A 394 -11.83 4.73 -18.62
N GLY A 395 -11.64 4.98 -19.91
CA GLY A 395 -10.30 5.05 -20.48
C GLY A 395 -9.70 6.45 -20.47
N ASP A 396 -10.42 7.42 -19.90
CA ASP A 396 -9.87 8.76 -19.73
C ASP A 396 -8.87 8.69 -18.59
N ARG A 397 -7.63 9.09 -18.86
CA ARG A 397 -6.56 8.91 -17.89
C ARG A 397 -6.78 9.77 -16.65
N LEU A 398 -6.53 9.19 -15.48
CA LEU A 398 -6.53 9.94 -14.24
C LEU A 398 -5.39 10.95 -14.22
N ILE A 399 -5.63 12.12 -13.64
CA ILE A 399 -4.58 13.11 -13.43
C ILE A 399 -4.08 12.93 -12.01
N ILE A 400 -2.90 12.36 -11.86
CA ILE A 400 -2.39 12.03 -10.53
C ILE A 400 -1.20 12.92 -10.17
N ASP A 401 -1.32 13.67 -9.08
CA ASP A 401 -0.21 14.50 -8.64
C ASP A 401 0.04 14.25 -7.16
N PRO A 402 1.00 13.38 -6.84
CA PRO A 402 1.23 13.07 -5.43
C PRO A 402 2.01 14.18 -4.70
N ALA A 403 2.43 15.24 -5.40
CA ALA A 403 3.13 16.35 -4.74
C ALA A 403 4.36 15.91 -3.96
N TYR A 404 5.12 14.96 -4.52
CA TYR A 404 6.30 14.41 -3.89
C TYR A 404 7.28 15.50 -3.48
N LEU A 405 7.75 15.42 -2.23
CA LEU A 405 8.82 16.30 -1.77
C LEU A 405 8.47 17.79 -1.89
N GLN A 406 7.22 18.12 -1.60
CA GLN A 406 6.78 19.49 -1.73
CA GLN A 406 6.76 19.49 -1.71
C GLN A 406 7.05 20.30 -0.46
N THR A 407 6.99 19.65 0.71
CA THR A 407 7.22 20.34 1.98
C THR A 407 8.68 20.36 2.44
N GLY A 408 9.08 21.41 3.14
CA GLY A 408 10.44 21.50 3.64
C GLY A 408 10.75 20.37 4.60
N ARG A 409 9.72 19.97 5.35
CA ARG A 409 9.86 18.86 6.29
C ARG A 409 10.23 17.58 5.56
N ASP A 410 9.54 17.29 4.45
CA ASP A 410 9.79 16.05 3.72
C ASP A 410 11.21 16.06 3.14
N ARG A 411 11.61 17.18 2.56
CA ARG A 411 12.96 17.30 2.01
CA ARG A 411 12.97 17.29 2.00
C ARG A 411 14.03 17.13 3.08
N GLU A 412 13.83 17.79 4.21
CA GLU A 412 14.80 17.76 5.32
C GLU A 412 14.90 16.36 5.91
N ARG A 413 13.75 15.72 6.11
CA ARG A 413 13.74 14.37 6.67
C ARG A 413 14.46 13.43 5.71
N PHE A 414 14.26 13.65 4.42
CA PHE A 414 14.92 12.84 3.40
C PHE A 414 16.44 12.94 3.46
N ARG A 415 16.96 14.12 3.76
CA ARG A 415 18.40 14.29 3.94
C ARG A 415 18.89 13.42 5.09
N ARG A 416 18.15 13.38 6.20
CA ARG A 416 18.54 12.53 7.33
C ARG A 416 18.49 11.05 6.95
N ALA A 417 17.49 10.68 6.15
CA ALA A 417 17.38 9.28 5.72
C ALA A 417 18.59 8.88 4.90
N LEU A 418 19.00 9.75 3.97
CA LEU A 418 20.17 9.49 3.14
C LEU A 418 21.43 9.37 4.01
N GLU A 419 21.55 10.29 4.98
CA GLU A 419 22.71 10.27 5.85
C GLU A 419 22.72 8.97 6.65
N ALA A 420 21.55 8.57 7.12
CA ALA A 420 21.47 7.35 7.91
C ALA A 420 21.89 6.18 7.03
N SER A 421 21.41 6.16 5.79
CA SER A 421 21.75 5.07 4.86
C SER A 421 23.25 4.98 4.63
N ARG A 422 23.87 6.12 4.36
CA ARG A 422 25.32 6.13 4.12
C ARG A 422 26.11 5.70 5.36
N THR A 423 25.60 6.07 6.53
CA THR A 423 26.27 5.67 7.77
C THR A 423 26.23 4.15 7.94
N ILE A 424 25.07 3.54 7.70
CA ILE A 424 24.94 2.08 7.77
C ILE A 424 25.78 1.44 6.67
N GLY A 425 25.71 2.01 5.48
CA GLY A 425 26.42 1.51 4.32
C GLY A 425 27.93 1.41 4.50
N HIS A 426 28.50 2.31 5.28
CA HIS A 426 29.97 2.33 5.41
C HIS A 426 30.51 1.62 6.64
N ARG A 427 29.63 0.89 7.34
CA ARG A 427 30.02 0.12 8.53
C ARG A 427 30.95 -1.06 8.22
N ASP A 428 31.87 -1.33 9.14
CA ASP A 428 32.80 -2.47 9.03
C ASP A 428 32.07 -3.78 8.77
N GLU A 429 30.89 -3.93 9.37
CA GLU A 429 30.06 -5.14 9.25
C GLU A 429 29.67 -5.45 7.81
N LEU A 430 29.71 -4.43 6.97
CA LEU A 430 29.39 -4.57 5.55
C LEU A 430 30.67 -4.55 4.70
N ALA A 431 31.84 -4.48 5.34
CA ALA A 431 33.10 -4.36 4.60
C ALA A 431 33.40 -5.59 3.75
N GLY A 432 32.82 -6.73 4.10
CA GLY A 432 32.98 -7.94 3.30
C GLY A 432 32.25 -7.86 1.98
N TRP A 433 31.18 -7.06 1.94
CA TRP A 433 30.37 -6.89 0.73
C TRP A 433 30.72 -5.63 -0.05
N ARG A 434 31.10 -4.57 0.65
CA ARG A 434 31.24 -3.25 0.04
C ARG A 434 32.58 -3.07 -0.66
N GLU A 435 32.55 -2.81 -1.95
CA GLU A 435 33.77 -2.45 -2.66
C GLU A 435 33.97 -0.95 -2.55
N ARG A 436 32.91 -0.20 -2.83
CA ARG A 436 32.90 1.25 -2.70
C ARG A 436 31.52 1.81 -3.00
N GLU A 437 31.27 3.04 -2.56
CA GLU A 437 29.99 3.69 -2.80
C GLU A 437 29.98 4.25 -4.22
N LEU A 438 28.91 3.96 -4.96
CA LEU A 438 28.79 4.48 -6.30
C LEU A 438 27.91 5.72 -6.33
N LEU A 439 26.86 5.70 -5.51
CA LEU A 439 25.92 6.80 -5.45
C LEU A 439 25.51 7.03 -4.01
N PRO A 440 25.43 8.30 -3.58
CA PRO A 440 25.53 9.51 -4.41
C PRO A 440 26.96 9.98 -4.68
N GLY A 441 27.93 9.40 -4.00
CA GLY A 441 29.26 9.99 -3.95
C GLY A 441 29.31 10.84 -2.69
N THR A 442 29.91 12.03 -2.76
CA THR A 442 29.82 12.93 -1.61
C THR A 442 29.46 14.38 -1.96
N PRO A 443 28.15 14.67 -2.04
CA PRO A 443 27.55 16.00 -2.08
C PRO A 443 28.11 16.92 -1.00
N ASN A 444 28.40 18.16 -1.38
CA ASN A 444 29.04 19.11 -0.49
C ASN A 444 28.06 20.04 0.17
N SER A 445 26.77 19.85 -0.13
CA SER A 445 25.76 20.82 0.29
C SER A 445 24.36 20.25 0.32
N ALA A 446 23.50 20.89 1.10
CA ALA A 446 22.09 20.52 1.13
C ALA A 446 21.49 20.54 -0.28
N ALA A 447 21.88 21.53 -1.07
CA ALA A 447 21.37 21.66 -2.44
C ALA A 447 21.70 20.44 -3.28
N GLU A 448 22.92 19.95 -3.14
CA GLU A 448 23.40 18.83 -3.93
C GLU A 448 22.79 17.53 -3.44
N MET A 449 22.66 17.40 -2.13
CA MET A 449 21.91 16.28 -1.59
C MET A 449 20.45 16.30 -2.07
N ASP A 450 19.79 17.45 -1.93
CA ASP A 450 18.41 17.56 -2.41
C ASP A 450 18.30 17.17 -3.88
N ASP A 451 19.27 17.59 -4.69
CA ASP A 451 19.20 17.25 -6.12
C ASP A 451 19.37 15.75 -6.33
N PHE A 452 20.32 15.13 -5.62
CA PHE A 452 20.47 13.69 -5.75
C PHE A 452 19.19 12.97 -5.33
N ILE A 453 18.62 13.40 -4.20
CA ILE A 453 17.40 12.78 -3.70
C ILE A 453 16.26 12.93 -4.71
N ALA A 454 16.15 14.11 -5.32
CA ALA A 454 15.07 14.37 -6.27
C ALA A 454 15.16 13.48 -7.52
N ARG A 455 16.38 13.17 -7.93
CA ARG A 455 16.60 12.35 -9.12
C ARG A 455 16.43 10.88 -8.81
N SER A 456 16.60 10.52 -7.55
CA SER A 456 16.64 9.12 -7.14
C SER A 456 15.34 8.53 -6.59
N VAL A 457 14.42 9.36 -6.11
CA VAL A 457 13.27 8.80 -5.41
C VAL A 457 12.29 8.14 -6.37
N ILE A 458 11.74 7.01 -5.94
CA ILE A 458 10.70 6.31 -6.68
C ILE A 458 9.59 5.91 -5.72
N THR A 459 8.42 5.63 -6.28
CA THR A 459 7.30 5.25 -5.44
C THR A 459 7.55 3.95 -4.69
N HIS A 460 7.08 3.89 -3.45
CA HIS A 460 7.16 2.66 -2.66
C HIS A 460 5.91 1.83 -2.95
N HIS A 461 5.01 2.41 -3.76
CA HIS A 461 3.74 1.78 -4.13
C HIS A 461 2.71 1.71 -2.99
N HIS A 462 2.58 2.76 -2.19
CA HIS A 462 1.57 2.80 -1.14
C HIS A 462 0.60 3.99 -1.24
N PRO A 463 -0.05 4.18 -2.40
CA PRO A 463 -0.97 5.33 -2.50
C PRO A 463 -2.17 5.09 -1.61
N CYS A 464 -2.67 6.15 -0.97
CA CYS A 464 -3.81 6.01 -0.07
C CYS A 464 -4.34 7.40 0.27
N GLY A 465 -5.47 7.45 0.97
CA GLY A 465 -5.93 8.69 1.59
C GLY A 465 -6.95 9.50 0.80
N THR A 466 -7.29 9.05 -0.41
CA THR A 466 -8.03 9.90 -1.35
C THR A 466 -9.53 9.95 -1.09
N CYS A 467 -10.01 9.11 -0.17
CA CYS A 467 -11.40 9.16 0.28
C CYS A 467 -11.40 9.22 1.80
N ARG A 468 -10.75 10.24 2.36
CA ARG A 468 -10.33 10.14 3.75
C ARG A 468 -11.46 10.04 4.75
N MET A 469 -11.23 9.15 5.71
CA MET A 469 -12.13 8.96 6.82
C MET A 469 -11.83 10.08 7.81
N GLY A 470 -12.88 10.73 8.32
CA GLY A 470 -12.66 11.80 9.29
C GLY A 470 -13.96 12.20 10.00
N LYS A 471 -13.84 12.92 11.11
CA LYS A 471 -15.04 13.30 11.85
C LYS A 471 -15.52 14.72 11.48
N ASP A 472 -14.68 15.45 10.74
CA ASP A 472 -15.04 16.78 10.25
C ASP A 472 -16.05 16.71 9.09
N PRO A 473 -16.82 17.80 8.88
CA PRO A 473 -17.92 17.80 7.90
C PRO A 473 -17.52 17.42 6.47
N ASP A 474 -16.33 17.84 6.03
CA ASP A 474 -15.93 17.57 4.66
C ASP A 474 -15.06 16.32 4.45
N ALA A 475 -14.94 15.49 5.48
CA ALA A 475 -14.30 14.20 5.29
C ALA A 475 -15.16 13.41 4.30
N VAL A 476 -14.57 12.44 3.62
CA VAL A 476 -15.32 11.69 2.61
C VAL A 476 -16.20 10.61 3.22
N VAL A 477 -15.65 9.87 4.19
CA VAL A 477 -16.43 8.90 4.94
C VAL A 477 -16.33 9.17 6.43
N ASP A 478 -17.30 8.67 7.20
CA ASP A 478 -17.25 8.83 8.66
C ASP A 478 -16.45 7.67 9.28
N ALA A 479 -16.44 7.57 10.61
CA ALA A 479 -15.70 6.50 11.30
C ALA A 479 -16.17 5.11 10.92
N ASN A 480 -17.40 5.01 10.41
CA ASN A 480 -17.97 3.74 9.99
C ASN A 480 -17.75 3.44 8.52
N LEU A 481 -16.96 4.29 7.85
CA LEU A 481 -16.57 4.10 6.44
C LEU A 481 -17.74 4.35 5.48
N ARG A 482 -18.78 5.00 5.98
CA ARG A 482 -19.93 5.31 5.16
C ARG A 482 -19.68 6.67 4.50
N LEU A 483 -19.88 6.74 3.18
CA LEU A 483 -19.77 8.03 2.47
C LEU A 483 -20.80 8.99 3.07
N LYS A 484 -20.33 10.17 3.50
CA LYS A 484 -21.14 11.02 4.35
C LYS A 484 -22.46 11.46 3.74
N ALA A 485 -22.50 11.67 2.43
CA ALA A 485 -23.70 12.23 1.82
C ALA A 485 -24.78 11.19 1.49
N LEU A 486 -24.45 9.91 1.61
CA LEU A 486 -25.37 8.84 1.19
C LEU A 486 -25.57 7.79 2.29
N ASP A 487 -26.58 6.93 2.13
CA ASP A 487 -26.97 6.03 3.22
C ASP A 487 -26.58 4.56 3.09
N ASN A 488 -26.25 4.13 1.88
CA ASN A 488 -25.97 2.71 1.65
C ASN A 488 -24.68 2.49 0.86
N LEU A 489 -23.74 3.42 1.02
CA LEU A 489 -22.48 3.40 0.27
C LEU A 489 -21.27 3.51 1.17
N PHE A 490 -20.39 2.51 1.09
CA PHE A 490 -19.20 2.48 1.92
C PHE A 490 -17.95 2.43 1.06
N VAL A 491 -16.86 3.00 1.58
CA VAL A 491 -15.58 2.88 0.94
C VAL A 491 -14.69 2.17 1.94
N VAL A 492 -14.11 1.05 1.53
CA VAL A 492 -13.34 0.20 2.44
C VAL A 492 -12.11 -0.29 1.69
N ASP A 493 -11.07 0.54 1.66
CA ASP A 493 -9.78 0.21 1.04
C ASP A 493 -8.73 1.28 1.40
N ALA A 494 -7.58 1.28 0.72
CA ALA A 494 -6.53 2.25 1.08
C ALA A 494 -6.99 3.71 0.96
N SER A 495 -8.03 3.95 0.20
CA SER A 495 -8.41 5.34 -0.03
C SER A 495 -8.90 6.02 1.25
N ILE A 496 -9.40 5.26 2.23
CA ILE A 496 -9.92 5.90 3.45
C ILE A 496 -8.88 6.33 4.49
N MET A 497 -7.65 5.82 4.37
CA MET A 497 -6.64 6.06 5.41
C MET A 497 -6.37 7.55 5.65
N PRO A 498 -6.58 8.02 6.89
CA PRO A 498 -6.30 9.42 7.23
C PRO A 498 -4.83 9.73 7.01
N ASN A 499 -3.97 8.76 7.31
CA ASN A 499 -2.54 8.93 7.07
CA ASN A 499 -2.53 8.93 7.08
C ASN A 499 -1.83 7.60 6.82
N LEU A 500 -0.71 7.66 6.10
CA LEU A 500 0.15 6.52 5.85
C LEU A 500 0.56 5.90 7.18
N THR A 501 0.74 4.58 7.22
CA THR A 501 1.42 3.93 8.31
C THR A 501 2.90 4.09 8.02
N ALA A 502 3.77 3.87 9.01
CA ALA A 502 5.22 3.99 8.81
C ALA A 502 5.76 3.19 7.61
N GLY A 503 5.24 1.99 7.41
CA GLY A 503 5.77 1.13 6.38
C GLY A 503 4.69 0.75 5.39
N PRO A 504 4.90 -0.35 4.67
CA PRO A 504 3.94 -0.87 3.68
C PRO A 504 2.54 -1.02 4.28
N ILE A 505 1.52 -0.72 3.48
CA ILE A 505 0.19 -0.53 4.02
C ILE A 505 -0.78 -1.69 3.82
N HIS A 506 -0.31 -2.81 3.28
CA HIS A 506 -1.21 -3.94 3.00
C HIS A 506 -1.93 -4.39 4.27
N ALA A 507 -1.18 -4.58 5.36
CA ALA A 507 -1.79 -5.06 6.62
C ALA A 507 -2.87 -4.10 7.10
N ALA A 508 -2.57 -2.81 7.08
CA ALA A 508 -3.56 -1.79 7.46
C ALA A 508 -4.78 -1.83 6.55
N VAL A 509 -4.58 -2.02 5.25
CA VAL A 509 -5.71 -2.16 4.34
C VAL A 509 -6.56 -3.36 4.75
N LEU A 510 -5.89 -4.47 5.05
CA LEU A 510 -6.60 -5.69 5.45
C LEU A 510 -7.34 -5.46 6.76
N ALA A 511 -6.68 -4.77 7.68
CA ALA A 511 -7.32 -4.41 8.94
C ALA A 511 -8.53 -3.52 8.69
N ILE A 512 -8.46 -2.62 7.71
CA ILE A 512 -9.62 -1.78 7.43
C ILE A 512 -10.80 -2.62 6.98
N ALA A 513 -10.54 -3.58 6.10
CA ALA A 513 -11.61 -4.43 5.58
C ALA A 513 -12.18 -5.35 6.68
N GLU A 514 -11.31 -5.87 7.53
CA GLU A 514 -11.76 -6.75 8.61
C GLU A 514 -12.61 -6.02 9.64
N THR A 515 -12.26 -4.78 9.98
CA THR A 515 -13.11 -4.08 10.93
C THR A 515 -14.43 -3.70 10.26
N PHE A 516 -14.40 -3.43 8.95
CA PHE A 516 -15.67 -3.24 8.26
C PHE A 516 -16.48 -4.51 8.25
N ALA A 517 -15.84 -5.65 8.00
CA ALA A 517 -16.57 -6.92 7.96
C ALA A 517 -17.26 -7.21 9.29
N ARG A 518 -16.53 -6.94 10.38
CA ARG A 518 -17.10 -7.13 11.72
C ARG A 518 -18.26 -6.17 11.95
N GLN A 519 -18.08 -4.92 11.59
CA GLN A 519 -19.12 -3.92 11.76
C GLN A 519 -20.38 -4.31 11.00
N TYR A 520 -20.20 -4.95 9.84
CA TYR A 520 -21.37 -5.32 9.04
C TYR A 520 -22.15 -6.47 9.70
N HIS A 521 -21.45 -7.54 10.05
CA HIS A 521 -22.10 -8.67 10.72
C HIS A 521 -22.75 -8.20 12.02
N HIS A 522 -22.20 -7.15 12.62
CA HIS A 522 -22.71 -6.66 13.88
C HIS A 522 -24.08 -5.99 13.79
N HIS A 523 -24.26 -5.08 12.83
CA HIS A 523 -25.58 -4.48 12.58
C HIS A 523 -26.02 -4.69 11.14
N HIS A 524 -27.10 -5.45 10.95
CA HIS A 524 -27.87 -5.43 9.70
C HIS A 524 -29.24 -6.14 9.78
N HIS A 525 -29.41 -7.19 8.98
CA HIS A 525 -30.70 -7.78 8.60
C HIS A 525 -31.38 -6.93 7.52
#